data_2A2L
#
_entry.id   2A2L
#
_cell.length_a   80.490
_cell.length_b   80.490
_cell.length_c   207.050
_cell.angle_alpha   90.00
_cell.angle_beta   90.00
_cell.angle_gamma   90.00
#
_symmetry.space_group_name_H-M   'P 42 21 2'
#
loop_
_entity.id
_entity.type
_entity.pdbx_description
1 polymer unknown
2 water water
#
_entity_poly.entity_id   1
_entity_poly.type   'polypeptide(L)'
_entity_poly.pdbx_seq_one_letter_code
;SLMNKSQQVQTITLAAAQQMAAAVEKKATEINVAVVFSVVDRGGNTLLIQRMDEAFVSSCDISLNKAWSACSLKQGTHEI
TSAVQPGQSLYGLQLTNQQRIIIFGGGLPVIFNEQVIGAVGVSGGTVEQDQLLAQCALDCFSALE
;
_entity_poly.pdbx_strand_id   A,B,C,D
#
# COMPACT_ATOMS: atom_id res chain seq x y z
N SER A 1 23.50 6.31 22.99
CA SER A 1 23.01 4.98 23.48
C SER A 1 23.34 3.85 22.48
N LEU A 2 23.07 2.61 22.90
CA LEU A 2 22.91 1.49 21.99
C LEU A 2 21.52 1.51 21.35
N MET A 3 21.47 1.35 20.03
CA MET A 3 20.20 1.04 19.39
C MET A 3 19.75 -0.40 19.65
N ASN A 4 18.53 -0.50 20.16
CA ASN A 4 17.72 -1.71 19.98
C ASN A 4 17.48 -1.95 18.50
N LYS A 5 17.95 -3.08 18.02
CA LYS A 5 17.81 -3.43 16.63
C LYS A 5 16.72 -4.47 16.45
N SER A 6 16.41 -5.17 17.54
CA SER A 6 15.20 -5.96 17.63
C SER A 6 14.59 -5.92 19.04
N GLN A 7 13.27 -6.08 19.13
CA GLN A 7 12.56 -6.12 20.41
C GLN A 7 11.94 -7.48 20.67
N GLN A 8 11.71 -7.79 21.95
CA GLN A 8 11.11 -9.04 22.36
C GLN A 8 9.63 -8.86 22.65
N VAL A 9 8.79 -9.68 22.03
CA VAL A 9 7.33 -9.62 22.22
C VAL A 9 6.72 -11.00 22.36
N GLN A 10 5.61 -11.03 23.10
CA GLN A 10 4.83 -12.22 23.30
C GLN A 10 3.65 -12.32 22.32
N THR A 11 3.50 -13.51 21.74
CA THR A 11 2.37 -13.85 20.89
C THR A 11 1.52 -14.96 21.55
N ILE A 12 0.21 -14.89 21.39
CA ILE A 12 -0.67 -16.00 21.81
C ILE A 12 -0.47 -17.20 20.86
N THR A 13 -0.82 -18.39 21.35
CA THR A 13 -0.57 -19.64 20.68
C THR A 13 -1.87 -20.30 20.22
N LEU A 14 -1.74 -21.29 19.35
CA LEU A 14 -2.84 -22.15 19.00
C LEU A 14 -3.36 -22.91 20.23
N ALA A 15 -2.46 -23.45 21.02
CA ALA A 15 -2.84 -24.13 22.25
C ALA A 15 -3.92 -23.35 23.01
N ALA A 16 -3.58 -22.12 23.39
CA ALA A 16 -4.46 -21.18 24.11
C ALA A 16 -5.73 -20.82 23.33
N ALA A 17 -5.57 -20.52 22.04
CA ALA A 17 -6.69 -20.33 21.11
C ALA A 17 -7.67 -21.49 21.18
N GLN A 18 -7.15 -22.70 21.13
CA GLN A 18 -7.97 -23.90 21.10
C GLN A 18 -8.82 -24.05 22.35
N GLN A 19 -8.24 -23.71 23.49
CA GLN A 19 -8.89 -23.82 24.77
C GLN A 19 -9.99 -22.79 24.94
N MET A 20 -9.73 -21.53 24.59
CA MET A 20 -10.76 -20.48 24.57
C MET A 20 -11.90 -20.72 23.57
N ALA A 21 -11.63 -21.49 22.52
CA ALA A 21 -12.69 -21.95 21.64
C ALA A 21 -13.71 -22.80 22.38
N ALA A 22 -13.24 -23.61 23.33
CA ALA A 22 -14.12 -24.58 23.97
C ALA A 22 -14.94 -23.89 25.04
N ALA A 23 -14.33 -22.91 25.70
CA ALA A 23 -15.00 -22.10 26.70
C ALA A 23 -16.19 -21.42 26.05
N VAL A 24 -15.89 -20.61 25.03
CA VAL A 24 -16.87 -19.91 24.22
C VAL A 24 -17.99 -20.83 23.72
N GLU A 25 -17.60 -22.01 23.21
CA GLU A 25 -18.55 -22.96 22.67
C GLU A 25 -19.49 -23.50 23.75
N LYS A 26 -19.02 -23.48 24.99
CA LYS A 26 -19.78 -24.07 26.08
C LYS A 26 -20.67 -23.00 26.68
N LYS A 27 -20.16 -21.78 26.72
CA LYS A 27 -20.95 -20.65 27.20
C LYS A 27 -22.04 -20.26 26.21
N ALA A 28 -21.71 -20.25 24.93
CA ALA A 28 -22.65 -19.87 23.90
C ALA A 28 -23.82 -20.83 23.94
N THR A 29 -23.51 -22.11 24.21
CA THR A 29 -24.53 -23.15 24.21
C THR A 29 -25.62 -23.00 25.27
N GLU A 30 -25.22 -22.59 26.46
CA GLU A 30 -26.15 -22.42 27.59
C GLU A 30 -26.90 -21.07 27.62
N ILE A 31 -26.36 -20.07 26.93
CA ILE A 31 -27.16 -18.88 26.61
C ILE A 31 -27.85 -18.97 25.25
N ASN A 32 -27.86 -20.19 24.72
CA ASN A 32 -28.71 -20.62 23.60
C ASN A 32 -28.42 -19.86 22.33
N VAL A 33 -27.14 -19.75 21.97
CA VAL A 33 -26.73 -19.00 20.81
C VAL A 33 -25.62 -19.72 20.04
N ALA A 34 -25.61 -19.59 18.71
CA ALA A 34 -24.55 -20.15 17.87
C ALA A 34 -23.67 -19.04 17.29
N VAL A 35 -22.38 -19.09 17.61
CA VAL A 35 -21.46 -18.04 17.17
C VAL A 35 -20.27 -18.54 16.35
N VAL A 36 -19.68 -17.64 15.56
CA VAL A 36 -18.27 -17.77 15.16
C VAL A 36 -17.26 -17.22 16.21
N PHE A 37 -16.16 -17.95 16.44
CA PHE A 37 -15.07 -17.49 17.30
C PHE A 37 -13.80 -17.41 16.49
N SER A 38 -13.07 -16.32 16.67
CA SER A 38 -11.77 -16.18 16.01
C SER A 38 -10.73 -15.72 16.99
N VAL A 39 -9.47 -16.10 16.73
CA VAL A 39 -8.31 -15.62 17.47
C VAL A 39 -7.21 -15.33 16.48
N VAL A 40 -6.61 -14.15 16.61
CA VAL A 40 -5.44 -13.81 15.82
C VAL A 40 -4.21 -13.77 16.73
N ASP A 41 -3.06 -14.12 16.19
CA ASP A 41 -1.81 -13.93 16.93
C ASP A 41 -1.37 -12.45 17.01
N ARG A 42 -0.19 -12.23 17.60
CA ARG A 42 0.33 -10.88 17.95
C ARG A 42 0.52 -9.90 16.76
N GLY A 43 0.78 -10.47 15.59
CA GLY A 43 0.82 -9.66 14.36
C GLY A 43 -0.52 -9.46 13.68
N GLY A 44 -1.59 -9.96 14.28
CA GLY A 44 -2.90 -9.85 13.67
C GLY A 44 -3.23 -11.04 12.79
N ASN A 45 -2.41 -12.08 12.86
CA ASN A 45 -2.52 -13.19 11.93
C ASN A 45 -3.38 -14.33 12.44
N THR A 46 -4.27 -14.80 11.56
CA THR A 46 -5.27 -15.77 11.87
C THR A 46 -4.59 -16.99 12.51
N LEU A 47 -4.99 -17.30 13.74
CA LEU A 47 -4.63 -18.59 14.34
C LEU A 47 -5.81 -19.51 14.16
N LEU A 48 -6.97 -19.09 14.65
CA LEU A 48 -8.16 -19.94 14.63
C LEU A 48 -9.39 -19.17 14.14
N ILE A 49 -10.21 -19.84 13.33
CA ILE A 49 -11.62 -19.48 13.11
C ILE A 49 -12.53 -20.69 13.27
N GLN A 50 -13.55 -20.58 14.11
CA GLN A 50 -14.43 -21.71 14.39
C GLN A 50 -15.92 -21.34 14.40
N ARG A 51 -16.67 -21.96 13.49
CA ARG A 51 -18.08 -21.62 13.28
C ARG A 51 -19.04 -22.73 13.74
N MET A 52 -19.84 -22.41 14.75
CA MET A 52 -20.96 -23.25 15.11
C MET A 52 -21.95 -23.44 13.95
N ASP A 53 -22.53 -24.63 13.87
CA ASP A 53 -23.17 -25.09 12.66
C ASP A 53 -24.46 -24.33 12.37
N GLU A 54 -25.03 -23.72 13.42
CA GLU A 54 -26.25 -22.92 13.35
C GLU A 54 -25.95 -21.40 13.27
N ALA A 55 -24.66 -21.02 13.31
CA ALA A 55 -24.28 -19.60 13.22
C ALA A 55 -24.39 -19.01 11.80
N PHE A 56 -24.52 -17.68 11.74
CA PHE A 56 -24.67 -16.96 10.47
C PHE A 56 -23.36 -17.10 9.73
N VAL A 57 -23.42 -17.52 8.46
CA VAL A 57 -22.22 -17.59 7.62
C VAL A 57 -21.62 -16.19 7.40
N SER A 58 -22.46 -15.17 7.42
CA SER A 58 -22.03 -13.78 7.44
C SER A 58 -21.08 -13.45 8.58
N SER A 59 -21.11 -14.26 9.64
CA SER A 59 -20.34 -13.94 10.84
C SER A 59 -18.86 -14.37 10.87
N CYS A 60 -18.38 -15.09 9.87
CA CYS A 60 -16.96 -15.49 9.84
C CYS A 60 -15.97 -14.36 9.56
N ASP A 61 -16.22 -13.58 8.52
CA ASP A 61 -15.46 -12.35 8.23
C ASP A 61 -15.54 -11.41 9.43
N ILE A 62 -16.77 -11.07 9.81
CA ILE A 62 -17.01 -10.24 10.99
C ILE A 62 -16.19 -10.69 12.19
N SER A 63 -16.30 -11.95 12.55
CA SER A 63 -15.62 -12.47 13.75
C SER A 63 -14.10 -12.36 13.67
N LEU A 64 -13.53 -12.78 12.54
CA LEU A 64 -12.11 -12.54 12.23
C LEU A 64 -11.72 -11.07 12.34
N ASN A 65 -12.45 -10.20 11.68
CA ASN A 65 -12.04 -8.80 11.68
C ASN A 65 -12.21 -8.06 12.99
N LYS A 66 -13.14 -8.52 13.81
CA LYS A 66 -13.22 -8.06 15.19
C LYS A 66 -11.94 -8.39 15.92
N ALA A 67 -11.38 -9.58 15.67
CA ALA A 67 -10.14 -9.96 16.35
C ALA A 67 -9.01 -9.08 15.83
N TRP A 68 -8.90 -9.00 14.51
CA TRP A 68 -7.88 -8.19 13.88
C TRP A 68 -8.00 -6.72 14.27
N SER A 69 -9.23 -6.23 14.43
CA SER A 69 -9.45 -4.85 14.89
C SER A 69 -9.05 -4.67 16.35
N ALA A 70 -9.48 -5.59 17.20
CA ALA A 70 -9.08 -5.60 18.60
C ALA A 70 -7.56 -5.64 18.84
N CYS A 71 -6.85 -6.40 18.00
CA CYS A 71 -5.39 -6.49 18.11
C CYS A 71 -4.73 -5.26 17.50
N SER A 72 -5.25 -4.82 16.36
CA SER A 72 -4.57 -3.78 15.60
C SER A 72 -4.68 -2.45 16.35
N LEU A 73 -5.90 -2.08 16.76
CA LEU A 73 -6.17 -0.82 17.51
C LEU A 73 -6.00 -0.91 19.04
N LYS A 74 -5.66 -2.09 19.52
CA LYS A 74 -5.27 -2.35 20.92
C LYS A 74 -6.35 -2.07 21.94
N GLN A 75 -7.60 -2.37 21.59
CA GLN A 75 -8.72 -2.08 22.46
C GLN A 75 -9.95 -2.88 21.98
N GLY A 76 -11.02 -2.91 22.75
CA GLY A 76 -12.24 -3.59 22.30
C GLY A 76 -12.85 -2.86 21.13
N THR A 77 -13.43 -3.60 20.19
CA THR A 77 -14.25 -2.98 19.15
C THR A 77 -15.44 -2.16 19.69
N HIS A 78 -15.80 -2.38 20.95
CA HIS A 78 -16.88 -1.62 21.58
C HIS A 78 -16.43 -0.24 21.98
N GLU A 79 -15.11 -0.04 22.05
CA GLU A 79 -14.57 1.20 22.56
C GLU A 79 -14.41 2.26 21.46
N ILE A 80 -14.62 1.87 20.21
CA ILE A 80 -14.48 2.79 19.09
C ILE A 80 -15.81 3.26 18.51
N THR A 81 -16.89 2.60 18.90
CA THR A 81 -18.24 2.93 18.47
C THR A 81 -18.58 4.43 18.56
N SER A 82 -18.31 5.06 19.72
CA SER A 82 -18.61 6.48 19.92
C SER A 82 -17.78 7.43 19.05
N ALA A 83 -16.56 7.01 18.70
CA ALA A 83 -15.67 7.86 17.93
C ALA A 83 -16.01 7.93 16.42
N VAL A 84 -16.77 6.96 15.94
CA VAL A 84 -16.98 6.80 14.50
C VAL A 84 -18.37 7.20 13.99
N GLN A 85 -19.21 7.71 14.89
CA GLN A 85 -20.55 8.22 14.55
C GLN A 85 -20.39 9.45 13.66
N PRO A 86 -21.33 9.68 12.71
CA PRO A 86 -21.42 10.96 12.01
C PRO A 86 -21.20 12.11 12.99
N GLY A 87 -20.39 13.10 12.61
CA GLY A 87 -20.12 14.21 13.51
C GLY A 87 -19.01 14.01 14.55
N GLN A 88 -18.53 12.78 14.75
CA GLN A 88 -17.45 12.54 15.72
C GLN A 88 -16.08 12.52 15.06
N SER A 89 -15.03 12.61 15.88
CA SER A 89 -13.67 12.84 15.36
C SER A 89 -13.24 11.84 14.27
N LEU A 90 -13.44 10.56 14.54
CA LEU A 90 -12.96 9.49 13.65
C LEU A 90 -14.03 8.96 12.70
N TYR A 91 -15.08 9.74 12.44
CA TYR A 91 -16.08 9.41 11.42
C TYR A 91 -15.38 9.06 10.11
N GLY A 92 -15.64 7.86 9.59
CA GLY A 92 -15.01 7.38 8.36
C GLY A 92 -13.87 6.40 8.58
N LEU A 93 -13.50 6.16 9.83
CA LEU A 93 -12.56 5.10 10.19
C LEU A 93 -12.98 3.72 9.70
N GLN A 94 -14.29 3.54 9.58
CA GLN A 94 -14.89 2.27 9.23
C GLN A 94 -14.74 1.95 7.73
N LEU A 95 -14.27 2.95 6.97
CA LEU A 95 -14.07 2.83 5.54
C LEU A 95 -12.63 2.48 5.20
N THR A 96 -11.73 2.64 6.16
CA THR A 96 -10.32 2.34 5.94
C THR A 96 -10.00 0.86 6.10
N ASN A 97 -8.77 0.49 5.73
CA ASN A 97 -8.28 -0.89 5.85
C ASN A 97 -9.14 -1.96 5.21
N GLN A 98 -9.63 -1.68 4.01
CA GLN A 98 -10.52 -2.58 3.27
C GLN A 98 -11.79 -2.91 4.07
N GLN A 99 -12.21 -1.96 4.91
CA GLN A 99 -13.33 -2.14 5.83
C GLN A 99 -13.15 -3.30 6.84
N ARG A 100 -11.92 -3.54 7.30
CA ARG A 100 -11.66 -4.60 8.27
C ARG A 100 -11.91 -4.13 9.68
N ILE A 101 -11.98 -2.81 9.86
CA ILE A 101 -12.18 -2.27 11.22
C ILE A 101 -13.63 -2.42 11.66
N ILE A 102 -13.85 -3.26 12.67
CA ILE A 102 -15.20 -3.45 13.18
C ILE A 102 -15.49 -2.51 14.32
N ILE A 103 -16.72 -2.01 14.39
CA ILE A 103 -17.02 -0.83 15.21
C ILE A 103 -18.19 -1.10 16.14
N PHE A 104 -18.54 -2.36 16.29
CA PHE A 104 -19.43 -2.77 17.37
C PHE A 104 -18.78 -3.87 18.18
N GLY A 105 -19.22 -4.02 19.43
CA GLY A 105 -18.60 -4.92 20.38
C GLY A 105 -18.51 -6.35 19.87
N GLY A 106 -17.56 -7.10 20.42
CA GLY A 106 -17.43 -8.51 20.09
C GLY A 106 -16.00 -8.92 19.87
N GLY A 107 -15.08 -7.95 19.91
CA GLY A 107 -13.68 -8.17 19.64
C GLY A 107 -12.91 -7.65 20.83
N LEU A 108 -12.03 -8.47 21.40
CA LEU A 108 -11.21 -8.02 22.53
C LEU A 108 -9.73 -8.33 22.29
N PRO A 109 -8.83 -7.40 22.64
CA PRO A 109 -7.41 -7.74 22.71
C PRO A 109 -7.09 -8.64 23.92
N VAL A 110 -6.09 -9.49 23.76
CA VAL A 110 -5.64 -10.37 24.84
C VAL A 110 -4.40 -9.75 25.46
N ILE A 111 -4.47 -9.41 26.75
CA ILE A 111 -3.40 -8.67 27.42
C ILE A 111 -2.64 -9.55 28.41
N PHE A 112 -1.38 -9.81 28.10
CA PHE A 112 -0.53 -10.60 28.96
C PHE A 112 0.75 -9.81 29.24
N ASN A 113 1.00 -9.55 30.53
CA ASN A 113 2.23 -8.87 30.97
C ASN A 113 2.27 -7.48 30.37
N GLU A 114 1.19 -6.74 30.59
CA GLU A 114 1.09 -5.37 30.10
C GLU A 114 1.47 -5.23 28.60
N GLN A 115 0.82 -6.05 27.77
CA GLN A 115 1.21 -6.24 26.39
C GLN A 115 0.09 -6.96 25.66
N VAL A 116 -0.11 -6.59 24.40
CA VAL A 116 -1.18 -7.17 23.59
C VAL A 116 -0.61 -8.31 22.75
N ILE A 117 -1.00 -9.52 23.07
CA ILE A 117 -0.33 -10.68 22.49
C ILE A 117 -1.11 -11.27 21.31
N GLY A 118 -2.19 -10.59 20.93
CA GLY A 118 -3.19 -11.15 20.05
C GLY A 118 -4.53 -10.54 20.35
N ALA A 119 -5.59 -11.12 19.77
CA ALA A 119 -6.96 -10.73 20.07
C ALA A 119 -7.97 -11.80 19.72
N VAL A 120 -9.17 -11.65 20.26
CA VAL A 120 -10.28 -12.57 19.97
C VAL A 120 -11.43 -11.77 19.35
N GLY A 121 -12.34 -12.50 18.72
CA GLY A 121 -13.51 -11.94 18.05
C GLY A 121 -14.65 -12.95 18.08
N VAL A 122 -15.84 -12.50 18.45
CA VAL A 122 -17.05 -13.34 18.46
C VAL A 122 -18.14 -12.65 17.64
N SER A 123 -18.87 -13.40 16.85
CA SER A 123 -19.95 -12.82 16.06
C SER A 123 -21.08 -13.82 15.93
N GLY A 124 -22.30 -13.31 15.84
CA GLY A 124 -23.45 -14.13 15.47
C GLY A 124 -24.52 -14.16 16.56
N GLY A 125 -24.25 -13.49 17.67
CA GLY A 125 -25.31 -13.19 18.62
C GLY A 125 -25.72 -11.75 18.45
N THR A 126 -26.47 -11.23 19.43
CA THR A 126 -26.43 -9.81 19.77
C THR A 126 -25.03 -9.32 20.14
N VAL A 127 -24.84 -8.00 20.05
CA VAL A 127 -23.55 -7.39 20.31
C VAL A 127 -23.12 -7.57 21.76
N GLU A 128 -24.08 -7.41 22.67
CA GLU A 128 -23.88 -7.70 24.09
C GLU A 128 -23.43 -9.14 24.35
N GLN A 129 -24.05 -10.09 23.66
CA GLN A 129 -23.63 -11.50 23.72
C GLN A 129 -22.22 -11.76 23.20
N ASP A 130 -21.95 -11.31 21.99
CA ASP A 130 -20.62 -11.39 21.37
C ASP A 130 -19.53 -10.98 22.36
N GLN A 131 -19.77 -9.85 23.02
CA GLN A 131 -18.79 -9.25 23.89
C GLN A 131 -18.64 -10.04 25.22
N LEU A 132 -19.74 -10.64 25.66
CA LEU A 132 -19.82 -11.45 26.88
C LEU A 132 -19.05 -12.76 26.67
N LEU A 133 -19.07 -13.23 25.43
CA LEU A 133 -18.44 -14.49 25.05
C LEU A 133 -16.98 -14.22 24.74
N ALA A 134 -16.69 -12.98 24.40
CA ALA A 134 -15.34 -12.55 24.12
C ALA A 134 -14.55 -12.39 25.41
N GLN A 135 -15.18 -11.79 26.43
CA GLN A 135 -14.60 -11.71 27.79
C GLN A 135 -14.46 -13.10 28.42
N CYS A 136 -15.47 -13.93 28.21
CA CYS A 136 -15.49 -15.32 28.55
C CYS A 136 -14.25 -16.08 28.05
N ALA A 137 -13.85 -15.82 26.81
CA ALA A 137 -12.59 -16.35 26.26
C ALA A 137 -11.36 -15.84 27.03
N LEU A 138 -11.32 -14.53 27.29
CA LEU A 138 -10.22 -13.92 28.04
C LEU A 138 -10.11 -14.51 29.45
N ASP A 139 -11.25 -14.65 30.13
CA ASP A 139 -11.31 -15.26 31.44
C ASP A 139 -10.82 -16.71 31.47
N CYS A 140 -11.02 -17.43 30.37
CA CYS A 140 -10.45 -18.77 30.20
C CYS A 140 -8.93 -18.65 30.06
N PHE A 141 -8.50 -17.71 29.21
CA PHE A 141 -7.08 -17.54 28.92
C PHE A 141 -6.31 -17.36 30.22
N SER A 142 -6.70 -16.38 31.01
CA SER A 142 -5.91 -15.96 32.16
C SER A 142 -5.79 -17.07 33.21
N ALA A 143 -6.72 -18.01 33.16
CA ALA A 143 -6.78 -19.14 34.09
C ALA A 143 -5.77 -20.26 33.76
N LEU A 144 -5.53 -20.45 32.46
CA LEU A 144 -4.64 -21.50 31.93
C LEU A 144 -3.25 -21.60 32.61
N GLU A 145 -2.83 -22.85 32.86
CA GLU A 145 -1.42 -23.27 33.02
C GLU A 145 -0.68 -22.86 34.30
N SER B 1 -3.80 31.77 -30.94
CA SER B 1 -3.28 31.38 -29.59
C SER B 1 -2.37 30.13 -29.66
N LEU B 2 -1.05 30.34 -29.49
CA LEU B 2 -0.08 29.24 -29.40
C LEU B 2 -0.49 28.30 -28.26
N MET B 3 -0.37 27.00 -28.50
CA MET B 3 -0.92 26.03 -27.58
C MET B 3 0.16 25.18 -26.96
N ASN B 4 -0.06 24.77 -25.72
CA ASN B 4 0.99 24.11 -24.97
C ASN B 4 0.88 22.61 -24.96
N LYS B 5 1.86 21.95 -25.54
CA LYS B 5 1.90 20.51 -25.54
C LYS B 5 2.48 19.96 -24.24
N SER B 6 3.17 20.80 -23.47
CA SER B 6 3.54 20.46 -22.09
C SER B 6 3.43 21.57 -21.05
N GLN B 7 3.52 21.16 -19.78
CA GLN B 7 3.42 22.04 -18.61
C GLN B 7 4.58 21.79 -17.64
N GLN B 8 5.28 22.85 -17.25
CA GLN B 8 6.25 22.73 -16.17
C GLN B 8 5.66 22.77 -14.77
N VAL B 9 5.77 21.65 -14.07
CA VAL B 9 5.33 21.56 -12.69
C VAL B 9 6.49 21.32 -11.72
N GLN B 10 6.18 21.40 -10.43
CA GLN B 10 7.15 21.18 -9.39
C GLN B 10 6.76 19.98 -8.50
N THR B 11 7.72 19.16 -8.11
CA THR B 11 7.44 18.04 -7.18
C THR B 11 8.40 17.99 -6.01
N ILE B 12 7.94 17.42 -4.89
CA ILE B 12 8.72 17.29 -3.67
C ILE B 12 9.68 16.11 -3.82
N THR B 13 10.83 16.16 -3.14
CA THR B 13 11.92 15.20 -3.43
C THR B 13 12.04 14.21 -2.28
N LEU B 14 12.60 13.03 -2.52
CA LEU B 14 12.63 12.02 -1.47
C LEU B 14 13.40 12.55 -0.26
N ALA B 15 14.50 13.26 -0.51
CA ALA B 15 15.31 13.85 0.57
C ALA B 15 14.57 14.93 1.36
N ALA B 16 13.62 15.63 0.72
CA ALA B 16 12.73 16.52 1.48
C ALA B 16 11.85 15.68 2.41
N ALA B 17 11.30 14.60 1.88
CA ALA B 17 10.43 13.72 2.63
C ALA B 17 11.15 13.09 3.84
N GLN B 18 12.45 12.87 3.69
CA GLN B 18 13.24 12.23 4.73
C GLN B 18 13.52 13.14 5.91
N GLN B 19 13.81 14.40 5.60
CA GLN B 19 13.86 15.50 6.58
C GLN B 19 12.53 15.71 7.32
N MET B 20 11.42 15.53 6.59
CA MET B 20 10.08 15.76 7.13
C MET B 20 9.77 14.67 8.13
N ALA B 21 10.10 13.43 7.76
CA ALA B 21 9.97 12.27 8.63
C ALA B 21 10.79 12.36 9.92
N ALA B 22 12.00 12.93 9.84
CA ALA B 22 12.80 13.15 11.04
C ALA B 22 12.09 14.05 12.03
N ALA B 23 11.54 15.15 11.53
CA ALA B 23 10.90 16.15 12.36
C ALA B 23 9.60 15.67 13.01
N VAL B 24 8.87 14.76 12.31
CA VAL B 24 7.63 14.17 12.83
C VAL B 24 7.88 13.12 13.93
N GLU B 25 8.72 12.13 13.63
CA GLU B 25 9.23 11.16 14.60
C GLU B 25 9.76 11.80 15.90
N LYS B 26 10.44 12.93 15.77
CA LYS B 26 10.88 13.73 16.90
C LYS B 26 9.66 14.25 17.67
N LYS B 27 8.83 15.04 17.02
CA LYS B 27 7.77 15.72 17.72
C LYS B 27 6.70 14.77 18.26
N ALA B 28 6.52 13.63 17.60
CA ALA B 28 5.65 12.59 18.12
C ALA B 28 6.15 12.05 19.47
N THR B 29 7.44 11.71 19.53
CA THR B 29 8.12 11.45 20.80
C THR B 29 7.86 12.50 21.86
N GLU B 30 8.01 13.79 21.53
CA GLU B 30 7.89 14.80 22.57
C GLU B 30 6.48 14.99 23.14
N ILE B 31 5.48 14.73 22.31
CA ILE B 31 4.09 14.71 22.76
C ILE B 31 3.57 13.31 23.09
N ASN B 32 4.42 12.29 22.94
CA ASN B 32 4.14 10.95 23.45
C ASN B 32 3.04 10.17 22.74
N VAL B 33 3.19 10.05 21.42
CA VAL B 33 2.32 9.22 20.61
C VAL B 33 3.20 8.59 19.53
N ALA B 34 2.84 7.38 19.07
CA ALA B 34 3.47 6.77 17.91
C ALA B 34 2.55 6.83 16.69
N VAL B 35 3.08 7.27 15.56
CA VAL B 35 2.26 7.45 14.38
C VAL B 35 2.94 6.87 13.14
N VAL B 36 2.21 6.85 12.04
CA VAL B 36 2.74 6.48 10.76
C VAL B 36 2.69 7.72 9.89
N PHE B 37 3.71 7.91 9.06
CA PHE B 37 3.92 9.15 8.37
C PHE B 37 4.21 8.91 6.90
N SER B 38 3.50 9.64 6.03
CA SER B 38 3.51 9.37 4.58
C SER B 38 3.69 10.64 3.76
N VAL B 39 4.41 10.54 2.65
CA VAL B 39 4.62 11.66 1.74
C VAL B 39 4.31 11.17 0.33
N VAL B 40 3.62 11.98 -0.47
CA VAL B 40 3.35 11.63 -1.87
C VAL B 40 3.85 12.77 -2.73
N ASP B 41 4.16 12.47 -4.00
CA ASP B 41 4.72 13.45 -4.93
C ASP B 41 3.63 14.32 -5.58
N ARG B 42 3.97 15.02 -6.64
CA ARG B 42 2.98 15.79 -7.38
C ARG B 42 1.80 14.96 -7.95
N GLY B 43 2.04 13.70 -8.35
CA GLY B 43 0.95 12.82 -8.83
C GLY B 43 0.28 11.88 -7.83
N GLY B 44 0.55 12.08 -6.54
CA GLY B 44 -0.01 11.25 -5.49
C GLY B 44 0.61 9.87 -5.33
N ASN B 45 1.69 9.62 -6.05
CA ASN B 45 2.46 8.40 -5.91
C ASN B 45 3.41 8.49 -4.70
N THR B 46 3.71 7.34 -4.11
CA THR B 46 4.36 7.26 -2.80
C THR B 46 5.79 7.70 -2.93
N LEU B 47 6.24 8.53 -2.00
CA LEU B 47 7.68 8.81 -1.77
C LEU B 47 8.31 8.14 -0.54
N LEU B 48 7.51 7.92 0.50
CA LEU B 48 8.02 7.58 1.85
C LEU B 48 6.86 7.27 2.79
N ILE B 49 6.90 6.08 3.36
CA ILE B 49 6.01 5.67 4.47
C ILE B 49 6.87 5.15 5.61
N GLN B 50 6.54 5.59 6.82
CA GLN B 50 7.33 5.26 7.99
C GLN B 50 6.37 4.99 9.18
N ARG B 51 6.44 3.79 9.74
CA ARG B 51 5.66 3.48 10.93
C ARG B 51 6.56 3.34 12.15
N MET B 52 6.43 4.25 13.12
CA MET B 52 7.05 4.00 14.45
C MET B 52 6.52 2.68 15.01
N ASP B 53 7.39 1.94 15.71
CA ASP B 53 7.09 0.57 16.18
C ASP B 53 5.69 0.37 16.78
N GLU B 54 5.24 1.35 17.56
CA GLU B 54 4.08 1.18 18.41
C GLU B 54 2.80 1.75 17.81
N ALA B 55 2.94 2.49 16.71
CA ALA B 55 1.82 2.95 15.93
C ALA B 55 0.95 1.80 15.43
N PHE B 56 -0.38 1.97 15.54
CA PHE B 56 -1.34 1.00 14.98
C PHE B 56 -0.95 0.61 13.56
N VAL B 57 -1.14 -0.66 13.21
CA VAL B 57 -0.79 -1.10 11.88
C VAL B 57 -1.89 -0.75 10.88
N SER B 58 -3.05 -0.38 11.42
CA SER B 58 -4.19 0.04 10.62
C SER B 58 -3.98 1.48 10.16
N SER B 59 -2.96 2.15 10.69
CA SER B 59 -2.64 3.53 10.32
C SER B 59 -1.75 3.69 9.08
N CYS B 60 -1.06 2.61 8.70
CA CYS B 60 -0.29 2.58 7.46
C CYS B 60 -1.11 3.01 6.27
N ASP B 61 -2.13 2.22 5.94
CA ASP B 61 -3.04 2.53 4.87
C ASP B 61 -3.72 3.91 4.97
N ILE B 62 -4.04 4.34 6.20
CA ILE B 62 -4.67 5.65 6.44
C ILE B 62 -3.72 6.84 6.22
N SER B 63 -2.56 6.80 6.86
CA SER B 63 -1.51 7.78 6.61
C SER B 63 -1.30 8.03 5.11
N LEU B 64 -1.05 6.95 4.35
CA LEU B 64 -0.80 7.06 2.92
C LEU B 64 -1.97 7.73 2.16
N ASN B 65 -3.21 7.33 2.48
CA ASN B 65 -4.37 7.79 1.78
C ASN B 65 -4.80 9.19 2.21
N LYS B 66 -4.34 9.64 3.38
CA LYS B 66 -4.41 11.07 3.76
C LYS B 66 -3.50 11.95 2.88
N ALA B 67 -2.23 11.57 2.79
CA ALA B 67 -1.32 12.17 1.84
C ALA B 67 -1.95 12.19 0.43
N TRP B 68 -2.43 11.05 -0.05
CA TRP B 68 -3.08 10.99 -1.38
C TRP B 68 -4.29 11.93 -1.61
N SER B 69 -5.21 11.97 -0.66
CA SER B 69 -6.38 12.86 -0.69
C SER B 69 -6.00 14.34 -0.72
N ALA B 70 -5.04 14.74 0.10
CA ALA B 70 -4.74 16.15 0.23
C ALA B 70 -4.02 16.61 -1.00
N CYS B 71 -3.35 15.67 -1.67
CA CYS B 71 -2.76 15.90 -2.98
C CYS B 71 -3.83 16.12 -4.05
N SER B 72 -4.56 15.07 -4.34
CA SER B 72 -5.66 15.06 -5.30
C SER B 72 -6.79 16.07 -5.09
N LEU B 73 -7.04 16.45 -3.83
CA LEU B 73 -8.09 17.42 -3.55
C LEU B 73 -7.54 18.82 -3.36
N LYS B 74 -6.20 18.87 -3.25
CA LYS B 74 -5.44 20.12 -3.13
C LYS B 74 -5.93 20.97 -1.97
N GLN B 75 -6.28 20.28 -0.89
CA GLN B 75 -6.78 20.91 0.32
C GLN B 75 -6.46 19.99 1.51
N GLY B 76 -6.71 20.46 2.73
CA GLY B 76 -6.44 19.65 3.93
C GLY B 76 -7.57 18.66 4.08
N THR B 77 -7.30 17.48 4.61
CA THR B 77 -8.37 16.47 4.69
C THR B 77 -9.43 16.89 5.74
N HIS B 78 -9.04 17.74 6.68
CA HIS B 78 -9.97 18.32 7.65
C HIS B 78 -10.95 19.27 6.98
N GLU B 79 -10.58 19.76 5.79
CA GLU B 79 -11.34 20.77 5.11
C GLU B 79 -12.58 20.18 4.49
N ILE B 80 -12.57 18.88 4.21
CA ILE B 80 -13.74 18.27 3.59
C ILE B 80 -14.72 17.62 4.55
N THR B 81 -14.35 17.53 5.82
CA THR B 81 -15.14 16.83 6.84
C THR B 81 -16.58 17.34 6.93
N SER B 82 -16.76 18.64 6.73
CA SER B 82 -18.05 19.28 6.90
C SER B 82 -18.95 18.89 5.74
N ALA B 83 -18.33 18.65 4.58
CA ALA B 83 -19.04 18.60 3.28
C ALA B 83 -19.69 17.25 2.99
N VAL B 84 -19.36 16.24 3.79
CA VAL B 84 -19.58 14.83 3.48
C VAL B 84 -20.35 14.09 4.60
N GLN B 85 -20.71 14.81 5.66
CA GLN B 85 -21.68 14.29 6.65
C GLN B 85 -23.05 14.06 5.99
N PRO B 86 -23.87 13.17 6.56
CA PRO B 86 -25.21 13.06 6.00
C PRO B 86 -25.96 14.37 5.88
N GLY B 87 -26.62 14.55 4.73
CA GLY B 87 -27.48 15.70 4.51
C GLY B 87 -26.72 16.78 3.80
N GLN B 88 -25.40 16.65 3.79
CA GLN B 88 -24.52 17.65 3.19
C GLN B 88 -24.22 17.33 1.68
N SER B 89 -23.75 18.33 0.94
CA SER B 89 -23.73 18.26 -0.53
C SER B 89 -22.76 17.25 -1.15
N LEU B 90 -21.83 16.75 -0.35
CA LEU B 90 -20.89 15.76 -0.82
C LEU B 90 -20.88 14.51 0.07
N TYR B 91 -21.99 14.25 0.76
CA TYR B 91 -22.20 12.94 1.38
C TYR B 91 -22.14 11.85 0.28
N GLY B 92 -21.28 10.86 0.49
CA GLY B 92 -21.10 9.76 -0.46
C GLY B 92 -19.71 9.76 -1.05
N LEU B 93 -19.01 10.87 -0.86
CA LEU B 93 -17.72 11.08 -1.49
C LEU B 93 -16.69 10.14 -0.86
N GLN B 94 -16.84 9.91 0.44
CA GLN B 94 -15.93 9.05 1.20
C GLN B 94 -15.90 7.60 0.67
N LEU B 95 -16.99 7.20 0.01
CA LEU B 95 -17.09 5.94 -0.69
C LEU B 95 -16.48 5.88 -2.09
N THR B 96 -16.16 7.03 -2.69
CA THR B 96 -15.54 7.02 -4.01
C THR B 96 -14.14 6.47 -4.01
N ASN B 97 -13.57 6.34 -5.20
CA ASN B 97 -12.13 6.08 -5.39
C ASN B 97 -11.59 4.98 -4.53
N GLN B 98 -12.36 3.88 -4.45
CA GLN B 98 -11.93 2.70 -3.69
C GLN B 98 -11.58 3.08 -2.24
N GLN B 99 -12.35 4.04 -1.69
CA GLN B 99 -12.31 4.47 -0.28
C GLN B 99 -10.98 5.02 0.16
N ARG B 100 -10.30 5.68 -0.76
CA ARG B 100 -8.98 6.28 -0.49
C ARG B 100 -9.08 7.77 -0.08
N ILE B 101 -10.24 8.39 -0.29
CA ILE B 101 -10.44 9.76 0.18
C ILE B 101 -10.81 9.72 1.65
N ILE B 102 -9.85 10.10 2.50
CA ILE B 102 -10.04 10.09 3.96
C ILE B 102 -10.68 11.41 4.37
N ILE B 103 -11.72 11.35 5.19
CA ILE B 103 -12.54 12.52 5.50
C ILE B 103 -12.34 13.08 6.91
N PHE B 104 -11.21 12.77 7.53
CA PHE B 104 -10.89 13.43 8.80
C PHE B 104 -9.44 13.88 8.81
N GLY B 105 -9.09 14.71 9.79
CA GLY B 105 -7.87 15.46 9.74
C GLY B 105 -6.61 14.62 9.81
N GLY B 106 -5.61 15.01 9.02
CA GLY B 106 -4.24 14.57 9.22
C GLY B 106 -3.46 14.57 7.92
N GLY B 107 -4.17 14.81 6.82
CA GLY B 107 -3.55 15.04 5.51
C GLY B 107 -3.45 16.51 5.10
N LEU B 108 -2.27 16.93 4.64
CA LEU B 108 -2.03 18.32 4.25
C LEU B 108 -1.14 18.44 3.01
N PRO B 109 -1.51 19.33 2.06
CA PRO B 109 -0.71 19.50 0.83
C PRO B 109 0.53 20.36 1.06
N VAL B 110 1.64 19.97 0.44
CA VAL B 110 2.79 20.86 0.39
C VAL B 110 2.57 21.86 -0.70
N ILE B 111 2.27 23.09 -0.29
CA ILE B 111 2.17 24.21 -1.21
C ILE B 111 3.53 24.92 -1.30
N PHE B 112 4.08 24.94 -2.52
CA PHE B 112 5.29 25.67 -2.92
C PHE B 112 4.96 26.40 -4.23
N ASN B 113 5.37 27.66 -4.34
CA ASN B 113 5.02 28.50 -5.50
C ASN B 113 3.50 28.57 -5.78
N GLU B 114 2.70 28.77 -4.76
CA GLU B 114 1.23 28.79 -4.95
C GLU B 114 0.69 27.50 -5.64
N GLN B 115 1.38 26.38 -5.43
CA GLN B 115 1.19 25.18 -6.25
C GLN B 115 1.38 23.95 -5.38
N VAL B 116 0.43 23.02 -5.49
CA VAL B 116 0.54 21.72 -4.84
C VAL B 116 1.66 20.88 -5.44
N ILE B 117 2.69 20.61 -4.63
CA ILE B 117 3.88 19.90 -5.14
C ILE B 117 4.03 18.52 -4.57
N GLY B 118 3.11 18.11 -3.70
CA GLY B 118 3.29 16.97 -2.80
C GLY B 118 2.31 17.03 -1.64
N ALA B 119 2.22 15.97 -0.84
CA ALA B 119 1.41 16.00 0.38
C ALA B 119 1.91 15.09 1.48
N VAL B 120 1.52 15.40 2.72
CA VAL B 120 1.86 14.55 3.87
C VAL B 120 0.63 14.03 4.58
N GLY B 121 0.76 12.87 5.20
CA GLY B 121 -0.31 12.27 5.98
C GLY B 121 0.17 11.70 7.30
N VAL B 122 -0.48 12.09 8.39
CA VAL B 122 -0.18 11.49 9.69
C VAL B 122 -1.38 10.79 10.26
N SER B 123 -1.17 9.53 10.67
CA SER B 123 -2.19 8.72 11.28
C SER B 123 -1.64 7.95 12.48
N GLY B 124 -2.43 7.88 13.56
CA GLY B 124 -2.02 7.14 14.76
C GLY B 124 -2.30 7.82 16.10
N GLY B 125 -2.36 9.15 16.09
CA GLY B 125 -2.85 9.95 17.22
C GLY B 125 -4.35 10.19 17.25
N THR B 126 -4.76 11.21 18.01
CA THR B 126 -6.07 11.78 17.83
C THR B 126 -6.09 12.49 16.50
N VAL B 127 -7.23 13.01 16.10
CA VAL B 127 -7.34 13.68 14.83
C VAL B 127 -6.62 15.03 14.96
N GLU B 128 -6.80 15.66 16.11
CA GLU B 128 -6.09 16.85 16.51
C GLU B 128 -4.57 16.66 16.47
N GLN B 129 -4.09 15.54 17.02
CA GLN B 129 -2.66 15.24 17.09
C GLN B 129 -2.04 14.98 15.72
N ASP B 130 -2.79 14.27 14.86
CA ASP B 130 -2.33 13.90 13.52
C ASP B 130 -2.18 15.15 12.67
N GLN B 131 -3.08 16.09 12.87
CA GLN B 131 -3.09 17.31 12.12
C GLN B 131 -1.98 18.21 12.63
N LEU B 132 -1.71 18.18 13.93
CA LEU B 132 -0.58 18.95 14.46
C LEU B 132 0.75 18.49 13.88
N LEU B 133 1.00 17.18 13.94
CA LEU B 133 2.22 16.59 13.43
C LEU B 133 2.43 16.81 11.94
N ALA B 134 1.33 16.77 11.18
CA ALA B 134 1.40 16.95 9.73
C ALA B 134 1.69 18.40 9.37
N GLN B 135 1.24 19.31 10.23
CA GLN B 135 1.57 20.71 10.08
C GLN B 135 3.07 20.88 10.34
N CYS B 136 3.55 20.15 11.33
CA CYS B 136 4.93 20.17 11.74
C CYS B 136 5.86 19.79 10.59
N ALA B 137 5.44 18.82 9.79
CA ALA B 137 6.19 18.43 8.59
C ALA B 137 6.32 19.57 7.56
N LEU B 138 5.29 20.40 7.44
CA LEU B 138 5.29 21.47 6.43
C LEU B 138 6.09 22.67 6.88
N ASP B 139 5.99 22.98 8.18
CA ASP B 139 6.83 23.96 8.87
C ASP B 139 8.33 23.67 8.65
N CYS B 140 8.69 22.41 8.83
CA CYS B 140 10.03 21.94 8.49
C CYS B 140 10.39 22.16 7.02
N PHE B 141 9.60 21.63 6.10
CA PHE B 141 9.85 21.78 4.66
C PHE B 141 10.13 23.22 4.21
N SER B 142 9.29 24.16 4.66
CA SER B 142 9.49 25.56 4.31
C SER B 142 10.66 26.20 5.05
N ALA B 143 11.25 25.47 5.99
CA ALA B 143 12.50 25.95 6.60
C ALA B 143 13.79 25.42 5.96
N LEU B 144 13.70 24.33 5.20
CA LEU B 144 14.80 23.87 4.34
C LEU B 144 14.97 24.82 3.17
N GLU B 145 16.08 24.70 2.43
CA GLU B 145 16.23 25.43 1.17
C GLU B 145 16.90 24.62 0.08
N MET C 3 21.46 20.57 -1.31
CA MET C 3 20.10 19.96 -1.20
C MET C 3 19.14 20.56 -2.23
N ASN C 4 18.04 19.84 -2.52
CA ASN C 4 16.93 20.41 -3.29
C ASN C 4 15.61 19.89 -2.78
N LYS C 5 14.72 20.79 -2.42
CA LYS C 5 13.46 20.36 -1.86
C LYS C 5 12.38 20.06 -2.91
N SER C 6 12.68 20.41 -4.17
CA SER C 6 11.76 20.19 -5.29
C SER C 6 12.41 20.07 -6.70
N GLN C 7 12.06 19.01 -7.43
CA GLN C 7 12.38 18.90 -8.86
C GLN C 7 11.31 19.53 -9.78
N GLN C 8 11.75 20.44 -10.65
CA GLN C 8 11.04 20.79 -11.90
C GLN C 8 10.85 19.60 -12.83
N VAL C 9 9.62 19.42 -13.30
CA VAL C 9 9.34 18.38 -14.30
C VAL C 9 8.31 18.84 -15.33
N GLN C 10 8.07 17.98 -16.31
CA GLN C 10 7.25 18.34 -17.42
C GLN C 10 6.14 17.32 -17.60
N THR C 11 4.93 17.81 -17.85
CA THR C 11 3.77 16.93 -18.09
C THR C 11 3.01 17.27 -19.38
N ILE C 12 2.52 16.24 -20.05
CA ILE C 12 1.61 16.41 -21.21
C ILE C 12 0.31 17.14 -20.82
N THR C 13 -0.22 17.97 -21.71
CA THR C 13 -1.49 18.64 -21.48
C THR C 13 -2.70 17.94 -22.13
N LEU C 14 -3.90 18.35 -21.71
CA LEU C 14 -5.15 17.89 -22.33
C LEU C 14 -5.19 18.28 -23.81
N ALA C 15 -4.89 19.55 -24.08
CA ALA C 15 -4.71 20.07 -25.45
C ALA C 15 -3.85 19.19 -26.34
N ALA C 16 -2.68 18.79 -25.86
CA ALA C 16 -1.86 17.87 -26.61
C ALA C 16 -2.62 16.59 -26.91
N ALA C 17 -3.20 15.99 -25.88
CA ALA C 17 -3.81 14.68 -25.98
C ALA C 17 -4.97 14.65 -26.98
N GLN C 18 -5.65 15.79 -27.08
CA GLN C 18 -6.76 16.00 -28.00
C GLN C 18 -6.33 16.01 -29.46
N GLN C 19 -5.24 16.72 -29.75
CA GLN C 19 -4.56 16.66 -31.05
C GLN C 19 -4.24 15.24 -31.43
N MET C 20 -3.56 14.52 -30.54
CA MET C 20 -3.16 13.15 -30.79
C MET C 20 -4.32 12.19 -31.00
N ALA C 21 -5.44 12.44 -30.33
CA ALA C 21 -6.64 11.59 -30.46
C ALA C 21 -7.28 11.70 -31.82
N ALA C 22 -7.46 12.95 -32.29
CA ALA C 22 -7.96 13.24 -33.64
C ALA C 22 -7.09 12.54 -34.70
N ALA C 23 -5.77 12.65 -34.57
CA ALA C 23 -4.78 11.87 -35.32
C ALA C 23 -4.95 10.35 -35.29
N VAL C 24 -5.06 9.78 -34.09
CA VAL C 24 -5.27 8.34 -33.96
C VAL C 24 -6.63 7.84 -34.50
N GLU C 25 -7.70 8.59 -34.25
CA GLU C 25 -9.01 8.29 -34.84
C GLU C 25 -8.99 8.35 -36.38
N LYS C 26 -8.01 9.07 -36.92
CA LYS C 26 -7.97 9.38 -38.34
C LYS C 26 -7.25 8.28 -39.11
N LYS C 27 -6.13 7.82 -38.57
CA LYS C 27 -5.45 6.63 -39.04
C LYS C 27 -6.24 5.34 -38.82
N ALA C 28 -6.98 5.26 -37.72
CA ALA C 28 -7.65 4.01 -37.36
C ALA C 28 -8.74 3.78 -38.37
N THR C 29 -9.35 4.88 -38.78
CA THR C 29 -10.39 4.88 -39.78
C THR C 29 -9.86 4.43 -41.14
N GLU C 30 -8.72 5.00 -41.56
CA GLU C 30 -8.13 4.55 -42.81
C GLU C 30 -7.57 3.12 -42.91
N ILE C 31 -6.87 2.66 -41.87
CA ILE C 31 -6.53 1.22 -41.73
C ILE C 31 -7.66 0.31 -41.24
N ASN C 32 -8.90 0.81 -41.29
CA ASN C 32 -10.11 -0.03 -41.13
C ASN C 32 -10.29 -0.73 -39.78
N VAL C 33 -10.00 0.00 -38.69
CA VAL C 33 -9.99 -0.59 -37.36
C VAL C 33 -10.50 0.39 -36.30
N ALA C 34 -11.30 -0.14 -35.37
CA ALA C 34 -11.82 0.68 -34.31
C ALA C 34 -11.06 0.43 -33.00
N VAL C 35 -10.54 1.50 -32.42
CA VAL C 35 -9.69 1.39 -31.25
C VAL C 35 -10.15 2.32 -30.10
N VAL C 36 -9.64 2.03 -28.91
CA VAL C 36 -9.71 2.96 -27.78
C VAL C 36 -8.36 3.66 -27.74
N PHE C 37 -8.38 4.97 -27.52
CA PHE C 37 -7.16 5.76 -27.34
C PHE C 37 -7.13 6.41 -25.94
N SER C 38 -6.05 6.19 -25.20
CA SER C 38 -5.85 6.78 -23.87
C SER C 38 -4.54 7.53 -23.70
N VAL C 39 -4.60 8.68 -23.04
CA VAL C 39 -3.44 9.45 -22.62
C VAL C 39 -3.47 9.60 -21.09
N VAL C 40 -2.29 9.48 -20.48
CA VAL C 40 -2.10 9.81 -19.08
C VAL C 40 -1.09 10.93 -19.01
N ASP C 41 -1.04 11.61 -17.88
CA ASP C 41 -0.04 12.65 -17.64
C ASP C 41 1.24 12.13 -16.98
N ARG C 42 2.08 13.06 -16.53
CA ARG C 42 3.44 12.81 -16.01
C ARG C 42 3.49 11.79 -14.88
N GLY C 43 2.57 11.97 -13.95
CA GLY C 43 2.39 11.09 -12.82
C GLY C 43 1.48 9.91 -13.07
N GLY C 44 1.15 9.66 -14.32
CA GLY C 44 0.45 8.42 -14.71
C GLY C 44 -1.06 8.47 -14.64
N ASN C 45 -1.61 9.66 -14.40
CA ASN C 45 -3.04 9.82 -14.17
C ASN C 45 -3.81 10.24 -15.42
N THR C 46 -5.09 9.90 -15.47
CA THR C 46 -5.89 9.93 -16.67
C THR C 46 -6.12 11.34 -17.18
N LEU C 47 -5.80 11.57 -18.45
CA LEU C 47 -6.04 12.87 -19.07
C LEU C 47 -7.20 12.80 -20.07
N LEU C 48 -7.19 11.76 -20.89
CA LEU C 48 -8.10 11.62 -22.03
C LEU C 48 -8.15 10.15 -22.33
N ILE C 49 -9.37 9.63 -22.40
CA ILE C 49 -9.67 8.28 -22.86
C ILE C 49 -10.82 8.47 -23.84
N GLN C 50 -10.73 7.77 -24.96
CA GLN C 50 -11.71 7.87 -26.01
C GLN C 50 -11.92 6.47 -26.59
N ARG C 51 -13.16 6.04 -26.76
CA ARG C 51 -13.43 4.82 -27.56
C ARG C 51 -14.26 5.12 -28.79
N MET C 52 -13.78 4.68 -29.95
CA MET C 52 -14.60 4.69 -31.17
C MET C 52 -15.77 3.72 -31.05
N ASP C 53 -16.87 4.03 -31.70
CA ASP C 53 -18.14 3.32 -31.45
C ASP C 53 -18.06 1.81 -31.66
N GLU C 54 -17.11 1.37 -32.49
CA GLU C 54 -16.93 -0.05 -32.77
C GLU C 54 -15.81 -0.73 -31.98
N ALA C 55 -14.98 0.04 -31.27
CA ALA C 55 -13.91 -0.57 -30.49
C ALA C 55 -14.50 -1.44 -29.40
N PHE C 56 -13.89 -2.61 -29.21
CA PHE C 56 -14.33 -3.64 -28.26
C PHE C 56 -14.48 -2.96 -26.91
N VAL C 57 -15.58 -3.18 -26.20
CA VAL C 57 -15.70 -2.53 -24.89
C VAL C 57 -14.66 -2.96 -23.84
N SER C 58 -14.09 -4.17 -23.96
CA SER C 58 -12.94 -4.58 -23.15
C SER C 58 -11.63 -3.85 -23.46
N SER C 59 -11.63 -3.01 -24.48
CA SER C 59 -10.42 -2.26 -24.85
C SER C 59 -10.21 -0.96 -24.05
N CYS C 60 -11.24 -0.49 -23.34
CA CYS C 60 -11.14 0.68 -22.46
C CYS C 60 -10.11 0.52 -21.33
N ASP C 61 -10.31 -0.56 -20.59
CA ASP C 61 -9.43 -0.95 -19.49
C ASP C 61 -7.98 -1.01 -19.96
N ILE C 62 -7.73 -1.77 -21.03
CA ILE C 62 -6.36 -2.04 -21.50
C ILE C 62 -5.68 -0.79 -22.04
N SER C 63 -6.42 -0.03 -22.84
CA SER C 63 -5.88 1.19 -23.42
C SER C 63 -5.27 2.10 -22.38
N LEU C 64 -6.01 2.35 -21.29
CA LEU C 64 -5.56 3.21 -20.21
C LEU C 64 -4.35 2.60 -19.52
N ASN C 65 -4.41 1.30 -19.30
CA ASN C 65 -3.35 0.61 -18.57
C ASN C 65 -2.06 0.52 -19.35
N LYS C 66 -2.16 0.34 -20.68
CA LYS C 66 -1.01 0.50 -21.61
C LYS C 66 -0.32 1.84 -21.44
N ALA C 67 -1.15 2.89 -21.37
CA ALA C 67 -0.66 4.26 -21.23
C ALA C 67 0.02 4.39 -19.87
N TRP C 68 -0.50 3.64 -18.90
CA TRP C 68 -0.09 3.79 -17.52
C TRP C 68 1.24 3.11 -17.35
N SER C 69 1.35 1.94 -17.95
CA SER C 69 2.57 1.14 -17.93
C SER C 69 3.72 1.79 -18.67
N ALA C 70 3.42 2.42 -19.80
CA ALA C 70 4.42 3.12 -20.60
C ALA C 70 4.97 4.38 -19.91
N CYS C 71 4.09 5.02 -19.16
CA CYS C 71 4.49 6.09 -18.26
C CYS C 71 5.23 5.55 -17.02
N SER C 72 4.69 4.46 -16.45
CA SER C 72 5.26 3.85 -15.24
C SER C 72 6.66 3.35 -15.53
N LEU C 73 6.78 2.48 -16.53
CA LEU C 73 8.02 1.74 -16.78
C LEU C 73 9.02 2.48 -17.63
N LYS C 74 8.67 3.73 -18.01
CA LYS C 74 9.45 4.56 -18.93
C LYS C 74 9.96 3.86 -20.20
N GLN C 75 9.04 3.26 -20.96
CA GLN C 75 9.36 2.39 -22.09
C GLN C 75 8.05 2.00 -22.77
N GLY C 76 8.12 1.36 -23.93
CA GLY C 76 6.92 0.92 -24.60
C GLY C 76 6.53 -0.45 -24.12
N THR C 77 5.22 -0.71 -24.06
CA THR C 77 4.70 -1.95 -23.54
C THR C 77 5.09 -3.16 -24.37
N HIS C 78 5.49 -2.93 -25.62
CA HIS C 78 6.12 -3.99 -26.42
C HIS C 78 7.52 -4.36 -26.01
N GLU C 79 8.25 -3.42 -25.44
CA GLU C 79 9.64 -3.69 -25.01
C GLU C 79 9.77 -4.57 -23.76
N ILE C 80 8.62 -4.85 -23.12
CA ILE C 80 8.59 -5.74 -21.94
C ILE C 80 8.16 -7.18 -22.22
N THR C 81 7.57 -7.44 -23.39
CA THR C 81 6.87 -8.69 -23.62
C THR C 81 7.76 -9.90 -23.40
N SER C 82 9.05 -9.76 -23.76
CA SER C 82 10.05 -10.83 -23.68
C SER C 82 10.64 -11.10 -22.29
N ALA C 83 10.93 -10.02 -21.56
CA ALA C 83 11.22 -10.02 -20.12
C ALA C 83 10.32 -10.93 -19.25
N VAL C 84 9.04 -11.04 -19.63
CA VAL C 84 8.03 -11.61 -18.73
C VAL C 84 7.58 -13.05 -18.98
N GLN C 85 8.15 -13.70 -20.00
CA GLN C 85 7.69 -15.04 -20.39
C GLN C 85 8.07 -16.01 -19.29
N PRO C 86 7.37 -17.16 -19.20
CA PRO C 86 7.84 -18.23 -18.31
C PRO C 86 9.32 -18.52 -18.56
N GLY C 87 10.09 -18.65 -17.48
CA GLY C 87 11.50 -18.99 -17.53
C GLY C 87 12.39 -17.77 -17.62
N GLN C 88 11.76 -16.60 -17.67
CA GLN C 88 12.49 -15.36 -17.91
C GLN C 88 12.46 -14.54 -16.64
N SER C 89 13.38 -13.59 -16.51
CA SER C 89 13.64 -12.95 -15.21
C SER C 89 12.46 -12.17 -14.61
N LEU C 90 11.63 -11.55 -15.43
CA LEU C 90 10.49 -10.80 -14.90
C LEU C 90 9.16 -11.48 -15.21
N TYR C 91 9.18 -12.81 -15.33
CA TYR C 91 7.97 -13.62 -15.20
C TYR C 91 7.24 -13.30 -13.90
N GLY C 92 6.01 -12.79 -14.04
CA GLY C 92 5.12 -12.57 -12.90
C GLY C 92 4.79 -11.10 -12.76
N LEU C 93 5.61 -10.25 -13.38
CA LEU C 93 5.46 -8.81 -13.34
C LEU C 93 4.09 -8.34 -13.89
N GLN C 94 3.51 -9.16 -14.76
CA GLN C 94 2.13 -9.00 -15.20
C GLN C 94 1.06 -9.18 -14.09
N LEU C 95 1.47 -9.69 -12.92
CA LEU C 95 0.53 -9.96 -11.84
C LEU C 95 0.56 -8.91 -10.71
N THR C 96 1.67 -8.20 -10.59
CA THR C 96 1.73 -7.00 -9.75
C THR C 96 0.75 -5.87 -10.07
N ASN C 97 0.68 -4.87 -9.19
CA ASN C 97 -0.04 -3.61 -9.46
C ASN C 97 -1.47 -3.77 -9.94
N GLN C 98 -2.21 -4.63 -9.27
CA GLN C 98 -3.57 -4.98 -9.70
C GLN C 98 -3.64 -5.24 -11.20
N GLN C 99 -2.67 -6.02 -11.70
CA GLN C 99 -2.59 -6.40 -13.12
C GLN C 99 -2.74 -5.23 -14.11
N ARG C 100 -2.18 -4.08 -13.75
CA ARG C 100 -2.29 -2.86 -14.58
C ARG C 100 -1.07 -2.75 -15.49
N ILE C 101 -0.11 -3.66 -15.32
CA ILE C 101 1.01 -3.80 -16.27
C ILE C 101 0.61 -4.63 -17.49
N ILE C 102 0.62 -3.91 -18.61
CA ILE C 102 0.28 -4.44 -19.90
C ILE C 102 1.52 -4.92 -20.61
N ILE C 103 1.47 -6.13 -21.14
CA ILE C 103 2.68 -6.81 -21.56
C ILE C 103 2.61 -7.23 -23.02
N PHE C 104 1.88 -6.45 -23.80
CA PHE C 104 1.96 -6.48 -25.24
C PHE C 104 1.90 -5.05 -25.81
N GLY C 105 2.49 -4.85 -26.97
CA GLY C 105 2.51 -3.52 -27.58
C GLY C 105 1.25 -2.69 -27.69
N GLY C 106 1.43 -1.39 -27.74
CA GLY C 106 0.32 -0.47 -27.96
C GLY C 106 0.33 0.68 -26.97
N GLY C 107 1.21 0.60 -25.97
CA GLY C 107 1.47 1.73 -25.09
C GLY C 107 2.87 2.26 -25.31
N LEU C 108 3.03 3.57 -25.29
CA LEU C 108 4.34 4.22 -25.55
C LEU C 108 4.41 5.52 -24.76
N PRO C 109 5.59 5.81 -24.19
CA PRO C 109 5.77 7.10 -23.51
C PRO C 109 5.80 8.28 -24.48
N VAL C 110 5.44 9.44 -23.98
CA VAL C 110 5.82 10.68 -24.59
C VAL C 110 7.15 11.17 -23.98
N ILE C 111 8.25 10.83 -24.64
CA ILE C 111 9.52 11.52 -24.39
C ILE C 111 9.50 12.93 -24.95
N PHE C 112 9.70 13.91 -24.08
CA PHE C 112 9.87 15.29 -24.48
C PHE C 112 10.96 15.94 -23.64
N ASN C 113 12.04 16.39 -24.30
CA ASN C 113 13.03 17.18 -23.60
C ASN C 113 13.92 16.30 -22.70
N GLU C 114 14.12 15.08 -23.19
CA GLU C 114 14.82 14.00 -22.48
C GLU C 114 14.23 13.62 -21.10
N GLN C 115 12.95 13.95 -20.94
CA GLN C 115 12.12 13.53 -19.83
C GLN C 115 11.07 12.54 -20.34
N VAL C 116 10.46 11.76 -19.44
CA VAL C 116 9.12 11.20 -19.70
C VAL C 116 7.94 12.04 -19.21
N ILE C 117 7.22 12.65 -20.14
CA ILE C 117 6.19 13.64 -19.77
C ILE C 117 4.75 13.09 -19.72
N GLY C 118 4.62 11.79 -19.92
CA GLY C 118 3.32 11.14 -19.93
C GLY C 118 3.37 9.97 -20.86
N ALA C 119 2.21 9.51 -21.33
CA ALA C 119 2.17 8.37 -22.23
C ALA C 119 0.86 8.17 -22.97
N VAL C 120 0.90 7.38 -24.02
CA VAL C 120 -0.30 6.98 -24.75
C VAL C 120 -0.53 5.48 -24.67
N GLY C 121 -1.77 5.06 -24.84
CA GLY C 121 -2.11 3.65 -25.04
C GLY C 121 -3.26 3.43 -26.01
N VAL C 122 -3.09 2.43 -26.88
CA VAL C 122 -4.05 2.11 -27.93
C VAL C 122 -4.39 0.63 -27.83
N SER C 123 -5.68 0.31 -27.83
CA SER C 123 -6.12 -1.08 -27.81
C SER C 123 -7.37 -1.15 -28.68
N GLY C 124 -7.62 -2.33 -29.26
CA GLY C 124 -8.70 -2.44 -30.25
C GLY C 124 -8.47 -3.43 -31.38
N GLY C 125 -7.40 -3.23 -32.15
CA GLY C 125 -7.08 -4.12 -33.29
C GLY C 125 -5.96 -5.09 -32.95
N THR C 126 -5.22 -5.58 -33.96
CA THR C 126 -4.02 -6.38 -33.68
C THR C 126 -3.03 -5.62 -32.82
N VAL C 127 -2.02 -6.31 -32.29
CA VAL C 127 -0.96 -5.63 -31.52
C VAL C 127 -0.24 -4.58 -32.36
N GLU C 128 0.10 -4.96 -33.58
CA GLU C 128 0.96 -4.16 -34.45
C GLU C 128 0.20 -2.93 -34.94
N GLN C 129 -1.12 -3.11 -35.13
CA GLN C 129 -2.00 -2.00 -35.48
C GLN C 129 -2.05 -1.00 -34.33
N ASP C 130 -2.02 -1.51 -33.10
CA ASP C 130 -2.16 -0.70 -31.88
C ASP C 130 -0.93 0.14 -31.80
N GLN C 131 0.20 -0.55 -31.92
CA GLN C 131 1.50 0.07 -31.91
C GLN C 131 1.73 1.13 -32.99
N LEU C 132 1.36 0.82 -34.23
CA LEU C 132 1.48 1.80 -35.31
C LEU C 132 0.64 3.05 -34.99
N LEU C 133 -0.57 2.83 -34.48
CA LEU C 133 -1.53 3.90 -34.19
C LEU C 133 -1.06 4.71 -33.00
N ALA C 134 -0.53 4.01 -31.99
CA ALA C 134 0.26 4.63 -30.92
C ALA C 134 1.40 5.50 -31.39
N GLN C 135 2.17 5.02 -32.35
CA GLN C 135 3.31 5.81 -32.85
C GLN C 135 2.86 7.07 -33.61
N CYS C 136 1.81 6.94 -34.42
CA CYS C 136 1.23 8.09 -35.12
C CYS C 136 0.64 9.14 -34.16
N ALA C 137 0.37 8.72 -32.92
CA ALA C 137 0.04 9.65 -31.85
C ALA C 137 1.25 10.47 -31.45
N LEU C 138 2.40 9.80 -31.29
CA LEU C 138 3.64 10.48 -30.93
C LEU C 138 4.14 11.37 -32.05
N ASP C 139 4.10 10.84 -33.26
CA ASP C 139 4.50 11.58 -34.44
C ASP C 139 3.73 12.90 -34.53
N CYS C 140 2.42 12.83 -34.33
CA CYS C 140 1.58 14.02 -34.17
C CYS C 140 2.14 14.98 -33.14
N PHE C 141 2.45 14.44 -31.97
CA PHE C 141 2.91 15.24 -30.85
C PHE C 141 4.15 16.07 -31.18
N SER C 142 5.08 15.48 -31.94
CA SER C 142 6.37 16.11 -32.27
C SER C 142 6.30 17.34 -33.20
N ALA C 143 5.18 17.49 -33.91
CA ALA C 143 5.03 18.56 -34.89
C ALA C 143 3.92 19.53 -34.45
N LEU C 144 3.47 19.32 -33.22
CA LEU C 144 2.94 20.42 -32.41
C LEU C 144 4.08 21.32 -31.93
N GLU C 145 3.74 22.58 -31.70
CA GLU C 145 4.71 23.58 -31.26
C GLU C 145 4.11 24.34 -30.09
N MET D 3 0.83 -27.30 28.83
CA MET D 3 0.38 -26.22 27.89
C MET D 3 1.21 -24.91 27.93
N ASN D 4 1.61 -24.42 26.76
CA ASN D 4 2.18 -23.06 26.64
C ASN D 4 1.22 -22.07 25.96
N LYS D 5 0.64 -21.17 26.75
CA LYS D 5 -0.32 -20.18 26.23
C LYS D 5 0.30 -19.00 25.47
N SER D 6 1.59 -18.73 25.72
CA SER D 6 2.33 -17.77 24.90
C SER D 6 3.81 -18.11 24.69
N GLN D 7 4.22 -18.10 23.42
CA GLN D 7 5.64 -18.18 23.06
C GLN D 7 6.23 -16.78 23.08
N GLN D 8 7.49 -16.69 23.47
CA GLN D 8 8.31 -15.49 23.19
C GLN D 8 8.75 -15.50 21.73
N VAL D 9 8.58 -14.38 21.05
CA VAL D 9 9.20 -14.17 19.74
C VAL D 9 9.90 -12.80 19.63
N GLN D 10 10.32 -12.49 18.41
CA GLN D 10 11.27 -11.42 18.21
C GLN D 10 11.06 -10.78 16.86
N THR D 11 11.13 -9.47 16.85
CA THR D 11 10.76 -8.70 15.68
C THR D 11 11.81 -7.62 15.48
N ILE D 12 12.15 -7.37 14.22
CA ILE D 12 12.92 -6.19 13.82
C ILE D 12 12.24 -4.88 14.25
N THR D 13 13.04 -3.83 14.44
CA THR D 13 12.53 -2.54 14.87
C THR D 13 12.45 -1.60 13.68
N LEU D 14 11.76 -0.47 13.82
CA LEU D 14 11.89 0.60 12.85
C LEU D 14 13.34 1.08 12.74
N ALA D 15 13.99 1.41 13.86
CA ALA D 15 15.38 1.87 13.83
C ALA D 15 16.30 1.04 12.93
N ALA D 16 16.20 -0.29 13.02
CA ALA D 16 16.96 -1.22 12.18
C ALA D 16 16.62 -1.12 10.70
N ALA D 17 15.34 -0.87 10.41
CA ALA D 17 14.86 -0.73 9.03
C ALA D 17 15.34 0.56 8.40
N GLN D 18 15.54 1.59 9.22
CA GLN D 18 16.02 2.86 8.77
C GLN D 18 17.47 2.79 8.35
N GLN D 19 18.22 1.91 9.00
CA GLN D 19 19.63 1.72 8.68
C GLN D 19 19.81 0.94 7.38
N MET D 20 19.14 -0.20 7.28
CA MET D 20 19.05 -0.96 6.04
C MET D 20 18.64 -0.07 4.85
N ALA D 21 17.69 0.84 5.08
CA ALA D 21 17.21 1.69 4.00
C ALA D 21 18.31 2.61 3.50
N ALA D 22 19.13 3.11 4.44
CA ALA D 22 20.20 4.04 4.12
C ALA D 22 21.42 3.33 3.49
N ALA D 23 21.63 2.06 3.83
CA ALA D 23 22.63 1.22 3.14
C ALA D 23 22.24 0.85 1.71
N VAL D 24 20.97 0.49 1.52
CA VAL D 24 20.44 0.21 0.19
C VAL D 24 20.46 1.45 -0.71
N GLU D 25 20.12 2.60 -0.14
CA GLU D 25 19.99 3.83 -0.90
C GLU D 25 21.32 4.26 -1.53
N LYS D 26 22.38 4.30 -0.72
CA LYS D 26 23.77 4.46 -1.21
C LYS D 26 24.20 3.41 -2.24
N LYS D 27 23.94 2.13 -1.94
CA LYS D 27 24.45 1.04 -2.77
C LYS D 27 23.76 0.93 -4.12
N ALA D 28 22.51 1.40 -4.18
CA ALA D 28 21.75 1.42 -5.44
C ALA D 28 22.33 2.43 -6.40
N THR D 29 22.76 3.54 -5.84
CA THR D 29 23.22 4.67 -6.62
C THR D 29 24.65 4.42 -7.09
N GLU D 30 25.44 3.76 -6.24
CA GLU D 30 26.80 3.42 -6.63
C GLU D 30 26.83 2.43 -7.80
N ILE D 31 25.92 1.46 -7.80
CA ILE D 31 25.64 0.65 -8.98
C ILE D 31 24.75 1.29 -10.08
N ASN D 32 24.39 2.56 -9.91
CA ASN D 32 23.57 3.27 -10.88
C ASN D 32 22.19 2.61 -11.19
N VAL D 33 21.41 2.34 -10.13
CA VAL D 33 19.98 2.00 -10.27
C VAL D 33 19.11 2.75 -9.24
N ALA D 34 17.83 2.99 -9.53
CA ALA D 34 16.90 3.53 -8.53
C ALA D 34 15.84 2.51 -8.09
N VAL D 35 15.76 2.27 -6.79
CA VAL D 35 14.90 1.20 -6.28
C VAL D 35 13.86 1.64 -5.23
N VAL D 36 13.00 0.69 -4.85
CA VAL D 36 12.07 0.87 -3.75
C VAL D 36 12.44 -0.13 -2.68
N PHE D 37 12.59 0.34 -1.45
CA PHE D 37 12.95 -0.55 -0.36
C PHE D 37 11.81 -0.59 0.66
N SER D 38 11.47 -1.81 1.11
CA SER D 38 10.36 -2.06 2.05
C SER D 38 10.76 -3.10 3.10
N VAL D 39 10.56 -2.78 4.37
CA VAL D 39 10.79 -3.75 5.47
C VAL D 39 9.49 -4.10 6.22
N VAL D 40 9.19 -5.39 6.35
CA VAL D 40 8.07 -5.84 7.21
C VAL D 40 8.56 -6.46 8.54
N ASP D 41 7.77 -6.32 9.59
CA ASP D 41 8.08 -6.95 10.88
C ASP D 41 7.70 -8.45 10.93
N ARG D 42 7.67 -9.02 12.13
CA ARG D 42 7.48 -10.45 12.32
C ARG D 42 6.14 -11.00 11.74
N GLY D 43 5.08 -10.20 11.83
CA GLY D 43 3.77 -10.57 11.28
C GLY D 43 3.62 -10.12 9.83
N GLY D 44 4.66 -9.52 9.29
CA GLY D 44 4.69 -9.11 7.91
C GLY D 44 3.94 -7.81 7.76
N ASN D 45 3.77 -7.13 8.89
CA ASN D 45 3.23 -5.80 8.90
C ASN D 45 4.30 -4.77 8.54
N THR D 46 3.91 -3.78 7.75
CA THR D 46 4.83 -2.81 7.17
C THR D 46 5.54 -2.04 8.26
N LEU D 47 6.86 -1.94 8.16
CA LEU D 47 7.63 -0.86 8.84
C LEU D 47 7.99 0.36 7.98
N LEU D 48 8.38 0.14 6.72
CA LEU D 48 9.03 1.19 5.95
C LEU D 48 8.85 0.95 4.44
N ILE D 49 8.51 2.00 3.69
CA ILE D 49 8.62 1.99 2.23
C ILE D 49 9.33 3.29 1.77
N GLN D 50 10.40 3.17 1.01
CA GLN D 50 11.18 4.37 0.67
C GLN D 50 11.56 4.35 -0.79
N ARG D 51 10.99 5.25 -1.56
CA ARG D 51 11.12 5.14 -3.00
C ARG D 51 11.98 6.24 -3.61
N MET D 52 13.08 5.82 -4.24
CA MET D 52 14.00 6.74 -4.89
C MET D 52 13.27 7.44 -6.01
N ASP D 53 13.57 8.71 -6.21
CA ASP D 53 12.85 9.53 -7.17
C ASP D 53 12.70 8.91 -8.57
N GLU D 54 13.75 8.26 -9.03
CA GLU D 54 13.73 7.74 -10.39
C GLU D 54 13.32 6.28 -10.44
N ALA D 55 12.93 5.73 -9.28
CA ALA D 55 12.38 4.38 -9.26
C ALA D 55 11.00 4.30 -9.91
N PHE D 56 10.72 3.16 -10.55
CA PHE D 56 9.37 2.84 -11.02
C PHE D 56 8.31 2.82 -9.91
N VAL D 57 7.25 3.61 -10.08
CA VAL D 57 6.18 3.63 -9.10
C VAL D 57 5.42 2.30 -9.14
N SER D 58 5.66 1.49 -10.17
CA SER D 58 5.18 0.13 -10.20
C SER D 58 5.85 -0.77 -9.17
N SER D 59 7.01 -0.34 -8.65
CA SER D 59 7.84 -1.18 -7.80
C SER D 59 7.52 -0.95 -6.33
N CYS D 60 6.55 -0.12 -6.04
CA CYS D 60 6.16 0.07 -4.64
C CYS D 60 5.45 -1.15 -4.05
N ASP D 61 4.32 -1.51 -4.66
CA ASP D 61 3.59 -2.73 -4.30
C ASP D 61 4.43 -3.99 -4.51
N ILE D 62 5.23 -4.04 -5.57
CA ILE D 62 6.17 -5.16 -5.81
C ILE D 62 7.15 -5.34 -4.64
N SER D 63 7.76 -4.23 -4.23
CA SER D 63 8.76 -4.24 -3.14
C SER D 63 8.20 -4.66 -1.78
N LEU D 64 7.04 -4.09 -1.41
CA LEU D 64 6.38 -4.47 -0.17
C LEU D 64 6.03 -5.96 -0.20
N ASN D 65 5.42 -6.39 -1.31
CA ASN D 65 5.04 -7.79 -1.43
C ASN D 65 6.23 -8.74 -1.50
N LYS D 66 7.40 -8.26 -1.93
CA LYS D 66 8.67 -9.02 -1.78
C LYS D 66 9.04 -9.28 -0.32
N ALA D 67 9.06 -8.22 0.50
CA ALA D 67 9.16 -8.33 1.96
C ALA D 67 8.15 -9.27 2.70
N TRP D 68 6.85 -9.07 2.45
CA TRP D 68 5.76 -9.88 3.01
C TRP D 68 5.92 -11.34 2.61
N SER D 69 6.16 -11.56 1.32
CA SER D 69 6.41 -12.88 0.79
C SER D 69 7.50 -13.55 1.58
N ALA D 70 8.69 -12.96 1.59
CA ALA D 70 9.88 -13.53 2.25
C ALA D 70 9.65 -13.88 3.70
N CYS D 71 8.96 -12.97 4.40
CA CYS D 71 8.58 -13.17 5.78
C CYS D 71 7.73 -14.42 5.90
N SER D 72 6.59 -14.38 5.23
CA SER D 72 5.54 -15.38 5.36
C SER D 72 5.94 -16.75 4.86
N LEU D 73 6.63 -16.78 3.73
CA LEU D 73 7.24 -18.00 3.20
C LEU D 73 8.56 -18.39 3.88
N LYS D 74 9.15 -17.46 4.66
CA LYS D 74 10.37 -17.70 5.43
C LYS D 74 11.65 -17.92 4.61
N GLN D 75 11.56 -17.66 3.30
CA GLN D 75 12.61 -17.98 2.34
C GLN D 75 12.65 -16.86 1.30
N GLY D 76 13.64 -16.89 0.41
CA GLY D 76 13.73 -15.86 -0.62
C GLY D 76 12.73 -16.04 -1.75
N THR D 77 12.10 -14.97 -2.17
CA THR D 77 11.29 -14.99 -3.39
C THR D 77 12.01 -15.64 -4.58
N HIS D 78 13.35 -15.59 -4.56
CA HIS D 78 14.18 -16.24 -5.59
C HIS D 78 14.16 -17.78 -5.48
N GLU D 79 13.94 -18.28 -4.27
CA GLU D 79 13.85 -19.70 -4.04
C GLU D 79 12.64 -20.37 -4.70
N ILE D 80 11.50 -19.68 -4.73
CA ILE D 80 10.25 -20.35 -5.10
C ILE D 80 10.02 -20.36 -6.59
N THR D 81 10.82 -19.55 -7.30
CA THR D 81 10.77 -19.34 -8.77
C THR D 81 10.72 -20.62 -9.61
N SER D 82 11.51 -21.62 -9.21
CA SER D 82 11.53 -22.89 -9.96
C SER D 82 10.28 -23.73 -9.69
N ALA D 83 9.73 -23.59 -8.48
CA ALA D 83 8.55 -24.35 -8.06
C ALA D 83 7.23 -23.93 -8.75
N VAL D 84 7.19 -22.73 -9.30
CA VAL D 84 5.92 -22.16 -9.75
C VAL D 84 5.81 -22.08 -11.29
N GLN D 85 6.95 -22.24 -11.97
CA GLN D 85 6.99 -22.55 -13.39
C GLN D 85 5.90 -23.54 -13.83
N PRO D 86 5.32 -23.32 -15.03
CA PRO D 86 4.36 -24.29 -15.57
C PRO D 86 4.91 -25.71 -15.56
N GLY D 87 4.09 -26.67 -15.16
CA GLY D 87 4.51 -28.08 -15.12
C GLY D 87 4.99 -28.50 -13.75
N GLN D 88 5.49 -27.55 -12.96
CA GLN D 88 5.91 -27.83 -11.59
C GLN D 88 4.79 -27.86 -10.56
N SER D 89 5.20 -28.18 -9.34
CA SER D 89 4.31 -28.75 -8.33
C SER D 89 3.48 -27.66 -7.71
N LEU D 90 3.95 -26.42 -7.87
CA LEU D 90 3.35 -25.28 -7.19
C LEU D 90 2.96 -24.21 -8.15
N TYR D 91 2.97 -24.56 -9.42
CA TYR D 91 2.25 -23.81 -10.44
C TYR D 91 0.89 -23.38 -9.88
N GLY D 92 0.63 -22.07 -9.90
CA GLY D 92 -0.59 -21.52 -9.31
C GLY D 92 -0.48 -20.99 -7.90
N LEU D 93 0.67 -21.16 -7.23
CA LEU D 93 0.97 -20.35 -6.04
C LEU D 93 0.91 -18.84 -6.29
N GLN D 94 1.36 -18.44 -7.48
CA GLN D 94 1.52 -17.03 -7.84
C GLN D 94 0.20 -16.28 -7.78
N LEU D 95 -0.91 -17.00 -7.89
CA LEU D 95 -2.25 -16.43 -7.94
C LEU D 95 -2.91 -16.32 -6.58
N THR D 96 -2.28 -16.93 -5.57
CA THR D 96 -2.90 -17.04 -4.28
C THR D 96 -2.62 -15.75 -3.53
N ASN D 97 -3.36 -15.55 -2.43
CA ASN D 97 -3.15 -14.46 -1.47
C ASN D 97 -3.24 -13.10 -2.13
N GLN D 98 -4.18 -12.97 -3.07
CA GLN D 98 -4.43 -11.72 -3.80
C GLN D 98 -3.19 -11.23 -4.54
N GLN D 99 -2.46 -12.20 -5.12
CA GLN D 99 -1.24 -11.97 -5.91
C GLN D 99 -0.08 -11.25 -5.17
N ARG D 100 -0.05 -11.43 -3.86
CA ARG D 100 0.98 -10.88 -2.99
C ARG D 100 2.25 -11.74 -2.96
N ILE D 101 2.19 -12.95 -3.52
CA ILE D 101 3.29 -13.89 -3.34
C ILE D 101 4.12 -13.76 -4.57
N ILE D 102 5.19 -12.99 -4.45
CA ILE D 102 5.98 -12.58 -5.61
C ILE D 102 7.03 -13.67 -5.88
N ILE D 103 7.14 -14.10 -7.12
CA ILE D 103 7.83 -15.35 -7.40
C ILE D 103 9.25 -15.10 -7.94
N PHE D 104 9.66 -13.84 -8.06
CA PHE D 104 11.00 -13.51 -8.59
C PHE D 104 11.84 -12.80 -7.57
N GLY D 105 13.16 -12.88 -7.76
CA GLY D 105 14.13 -12.47 -6.72
C GLY D 105 14.02 -11.01 -6.38
N GLY D 106 14.33 -10.70 -5.11
CA GLY D 106 14.33 -9.33 -4.58
C GLY D 106 13.95 -9.31 -3.11
N GLY D 107 13.33 -10.39 -2.62
CA GLY D 107 12.77 -10.45 -1.27
C GLY D 107 13.54 -11.44 -0.41
N LEU D 108 13.97 -11.01 0.78
CA LEU D 108 14.78 -11.83 1.69
C LEU D 108 14.37 -11.73 3.16
N PRO D 109 14.30 -12.88 3.84
CA PRO D 109 13.96 -12.81 5.25
C PRO D 109 15.16 -12.36 6.08
N VAL D 110 14.87 -11.64 7.15
CA VAL D 110 15.86 -11.29 8.13
C VAL D 110 15.90 -12.40 9.17
N ILE D 111 17.04 -13.10 9.22
CA ILE D 111 17.20 -14.29 10.06
C ILE D 111 18.17 -14.11 11.23
N PHE D 112 17.64 -13.56 12.31
CA PHE D 112 18.36 -13.32 13.54
C PHE D 112 17.84 -14.32 14.57
N ASN D 113 18.77 -14.99 15.25
CA ASN D 113 18.49 -16.08 16.21
C ASN D 113 17.72 -17.26 15.67
N GLU D 114 17.94 -17.55 14.38
CA GLU D 114 17.38 -18.75 13.74
C GLU D 114 15.86 -18.63 13.59
N GLN D 115 15.39 -17.40 13.81
CA GLN D 115 14.01 -17.02 13.64
C GLN D 115 13.98 -16.06 12.45
N VAL D 116 13.02 -16.23 11.55
CA VAL D 116 12.63 -15.09 10.71
C VAL D 116 12.00 -14.04 11.63
N ILE D 117 12.60 -12.85 11.68
CA ILE D 117 12.13 -11.79 12.57
C ILE D 117 11.49 -10.68 11.72
N GLY D 118 11.37 -10.94 10.42
CA GLY D 118 10.92 -9.94 9.45
C GLY D 118 11.61 -10.07 8.11
N ALA D 119 11.43 -9.09 7.23
CA ALA D 119 11.99 -9.26 5.90
C ALA D 119 12.17 -7.95 5.16
N VAL D 120 12.96 -8.00 4.09
CA VAL D 120 13.15 -6.87 3.23
C VAL D 120 12.88 -7.20 1.78
N GLY D 121 12.59 -6.17 0.99
CA GLY D 121 12.30 -6.32 -0.43
C GLY D 121 12.82 -5.11 -1.16
N VAL D 122 13.49 -5.34 -2.28
CA VAL D 122 13.93 -4.29 -3.17
C VAL D 122 13.32 -4.56 -4.54
N SER D 123 12.77 -3.52 -5.17
CA SER D 123 12.41 -3.56 -6.59
C SER D 123 12.80 -2.28 -7.33
N GLY D 124 13.13 -2.40 -8.62
CA GLY D 124 13.42 -1.23 -9.44
C GLY D 124 14.50 -1.47 -10.47
N GLY D 125 15.14 -2.63 -10.40
CA GLY D 125 16.30 -2.92 -11.24
C GLY D 125 16.12 -4.13 -12.12
N THR D 126 17.20 -4.87 -12.32
CA THR D 126 17.10 -6.27 -12.68
C THR D 126 16.89 -7.12 -11.43
N VAL D 127 16.47 -8.36 -11.61
CA VAL D 127 16.25 -9.27 -10.49
C VAL D 127 17.57 -9.51 -9.76
N GLU D 128 18.65 -9.52 -10.54
CA GLU D 128 20.03 -9.68 -10.05
C GLU D 128 20.42 -8.53 -9.14
N GLN D 129 20.11 -7.30 -9.57
CA GLN D 129 20.41 -6.09 -8.80
C GLN D 129 19.52 -5.98 -7.59
N ASP D 130 18.23 -6.22 -7.80
CA ASP D 130 17.29 -6.36 -6.68
C ASP D 130 17.81 -7.26 -5.56
N GLN D 131 18.29 -8.45 -5.90
CA GLN D 131 18.68 -9.43 -4.87
C GLN D 131 20.00 -9.07 -4.20
N LEU D 132 20.87 -8.44 -4.99
CA LEU D 132 22.09 -7.78 -4.51
C LEU D 132 21.82 -6.75 -3.44
N LEU D 133 20.90 -5.84 -3.74
CA LEU D 133 20.60 -4.75 -2.81
C LEU D 133 20.01 -5.23 -1.49
N ALA D 134 19.20 -6.27 -1.55
CA ALA D 134 18.47 -6.82 -0.39
C ALA D 134 19.39 -7.60 0.56
N GLN D 135 20.21 -8.49 0.00
CA GLN D 135 21.35 -9.07 0.73
C GLN D 135 22.26 -7.99 1.29
N CYS D 136 22.44 -6.92 0.54
CA CYS D 136 23.21 -5.79 1.00
C CYS D 136 22.59 -5.10 2.22
N ALA D 137 21.26 -5.20 2.37
CA ALA D 137 20.57 -4.72 3.57
C ALA D 137 20.67 -5.64 4.78
N LEU D 138 20.61 -6.95 4.53
CA LEU D 138 20.82 -7.96 5.57
C LEU D 138 22.20 -7.86 6.18
N ASP D 139 23.19 -7.59 5.32
CA ASP D 139 24.57 -7.35 5.72
C ASP D 139 24.74 -6.05 6.51
N CYS D 140 23.93 -5.04 6.21
CA CYS D 140 23.84 -3.89 7.11
C CYS D 140 23.38 -4.31 8.52
N PHE D 141 22.34 -5.14 8.58
CA PHE D 141 21.75 -5.50 9.86
C PHE D 141 22.75 -6.27 10.72
N SER D 142 23.34 -7.32 10.16
CA SER D 142 24.18 -8.23 10.94
C SER D 142 25.52 -7.62 11.31
N ALA D 143 25.82 -6.45 10.74
CA ALA D 143 26.92 -5.58 11.16
C ALA D 143 26.53 -4.57 12.23
N LEU D 144 25.23 -4.32 12.41
CA LEU D 144 24.76 -3.45 13.52
C LEU D 144 24.88 -4.12 14.89
N GLU D 145 24.68 -3.32 15.94
CA GLU D 145 24.87 -3.78 17.32
C GLU D 145 23.60 -3.82 18.13
#